data_3D6E
#
_entry.id   3D6E
#
_cell.length_a   39.551
_cell.length_b   54.813
_cell.length_c   54.910
_cell.angle_alpha   61.38
_cell.angle_beta   85.72
_cell.angle_gamma   86.10
#
_symmetry.space_group_name_H-M   'P 1'
#
loop_
_entity.id
_entity.type
_entity.pdbx_description
1 polymer Beta-glucanase
2 non-polymer 'CALCIUM ION'
3 water water
#
_entity_poly.entity_id   1
_entity_poly.type   'polypeptide(L)'
_entity_poly.pdbx_seq_one_letter_code
;QTGGSFYEPFNNYNTGLWQKWAFDHVSMTSLGEMRLSLTSPSYNKFDGGGNQSVQTYGYGLYEVNMKPAKNVGIVSAFYT
STGPTDGTPWDEIDIEFLGKDTTKVQFNYYTNGVGNHEKIVNLGFDAANSYHTYAFDWQPNSIKWYVDGQLKHTATTQIP
QTPGKIYMSLWAGAGVDEWLGSYNGVTPLYAHYNWVRYTKR
;
_entity_poly.pdbx_strand_id   A,B
#
loop_
_chem_comp.id
_chem_comp.type
_chem_comp.name
_chem_comp.formula
CA non-polymer 'CALCIUM ION' 'Ca 2'
#
# COMPACT_ATOMS: atom_id res chain seq x y z
N GLN A 1 -2.02 -13.04 0.65
CA GLN A 1 -2.33 -12.12 -0.49
C GLN A 1 -1.17 -11.18 -0.78
N THR A 2 -1.11 -10.67 -2.00
CA THR A 2 -0.07 -9.73 -2.43
C THR A 2 -0.54 -8.28 -2.44
N GLY A 3 -1.85 -8.05 -2.28
CA GLY A 3 -2.43 -6.71 -2.39
C GLY A 3 -3.14 -6.21 -1.15
N GLY A 4 -2.90 -4.95 -0.81
CA GLY A 4 -3.55 -4.30 0.33
C GLY A 4 -4.76 -3.48 -0.10
N SER A 5 -5.30 -2.71 0.83
CA SER A 5 -6.49 -1.90 0.58
C SER A 5 -6.26 -0.89 -0.54
N PHE A 6 -7.31 -0.60 -1.30
CA PHE A 6 -7.24 0.39 -2.38
C PHE A 6 -8.61 0.93 -2.75
N TYR A 7 -8.62 2.11 -3.36
CA TYR A 7 -9.83 2.67 -3.97
C TYR A 7 -9.52 2.96 -5.44
N GLU A 8 -10.42 2.50 -6.31
CA GLU A 8 -10.27 2.66 -7.75
C GLU A 8 -11.45 3.45 -8.32
N PRO A 9 -11.25 4.76 -8.60
CA PRO A 9 -12.32 5.56 -9.19
C PRO A 9 -12.49 5.39 -10.71
N PHE A 10 -11.54 4.70 -11.35
CA PHE A 10 -11.54 4.48 -12.80
C PHE A 10 -11.53 5.78 -13.62
N ASN A 11 -10.69 6.72 -13.19
CA ASN A 11 -10.42 7.94 -13.96
C ASN A 11 -9.39 7.64 -15.05
N ASN A 12 -8.37 6.86 -14.67
CA ASN A 12 -7.38 6.33 -15.61
C ASN A 12 -7.31 4.82 -15.46
N TYR A 13 -6.84 4.13 -16.50
CA TYR A 13 -6.64 2.69 -16.43
C TYR A 13 -5.25 2.35 -15.87
N ASN A 14 -5.22 1.98 -14.60
CA ASN A 14 -3.98 1.63 -13.91
C ASN A 14 -3.56 0.21 -14.29
N THR A 15 -2.50 0.09 -15.08
CA THR A 15 -1.98 -1.22 -15.48
C THR A 15 -1.21 -1.92 -14.35
N GLY A 16 -0.82 -1.15 -13.34
CA GLY A 16 -0.18 -1.71 -12.15
C GLY A 16 -1.18 -2.39 -11.23
N LEU A 17 -2.44 -2.00 -11.34
CA LEU A 17 -3.52 -2.55 -10.52
C LEU A 17 -4.41 -3.52 -11.32
N TRP A 18 -4.49 -3.35 -12.64
CA TRP A 18 -5.35 -4.18 -13.49
C TRP A 18 -4.67 -4.65 -14.77
N GLN A 19 -5.22 -5.72 -15.34
CA GLN A 19 -4.81 -6.21 -16.65
C GLN A 19 -6.03 -6.66 -17.44
N LYS A 20 -6.02 -6.39 -18.75
CA LYS A 20 -7.13 -6.71 -19.63
C LYS A 20 -6.90 -8.09 -20.23
N TRP A 21 -7.97 -8.88 -20.39
CA TRP A 21 -7.85 -10.16 -21.07
C TRP A 21 -7.46 -9.88 -22.52
N ALA A 22 -8.27 -9.06 -23.18
CA ALA A 22 -7.99 -8.58 -24.53
C ALA A 22 -8.20 -7.07 -24.58
N PHE A 23 -7.30 -6.36 -25.28
CA PHE A 23 -7.42 -4.92 -25.47
C PHE A 23 -8.47 -4.68 -26.52
N ASP A 24 -9.70 -4.42 -26.06
CA ASP A 24 -10.91 -4.64 -26.85
C ASP A 24 -12.12 -4.88 -25.93
N HIS A 25 -11.86 -5.19 -24.66
CA HIS A 25 -12.89 -5.73 -23.77
C HIS A 25 -13.89 -4.79 -23.05
N VAL A 26 -13.59 -3.62 -22.47
CA VAL A 26 -12.36 -3.09 -21.83
C VAL A 26 -11.88 -1.75 -22.42
N SER A 27 -12.64 -0.70 -22.09
CA SER A 27 -12.35 0.67 -22.49
C SER A 27 -12.81 1.64 -21.40
N MET A 28 -12.11 2.76 -21.26
CA MET A 28 -12.46 3.78 -20.26
C MET A 28 -13.34 4.85 -20.90
N THR A 29 -14.29 5.37 -20.13
CA THR A 29 -15.15 6.46 -20.60
C THR A 29 -14.63 7.79 -20.08
N SER A 30 -15.22 8.88 -20.58
CA SER A 30 -14.84 10.23 -20.15
C SER A 30 -15.45 10.61 -18.79
N LEU A 31 -16.43 9.84 -18.33
CA LEU A 31 -17.14 10.12 -17.09
C LEU A 31 -16.64 9.30 -15.90
N GLY A 32 -15.38 8.87 -15.96
CA GLY A 32 -14.77 8.10 -14.87
C GLY A 32 -15.35 6.71 -14.68
N GLU A 33 -15.59 6.00 -15.79
CA GLU A 33 -16.12 4.65 -15.75
C GLU A 33 -15.24 3.69 -16.54
N MET A 34 -15.10 2.47 -16.03
CA MET A 34 -14.54 1.38 -16.82
C MET A 34 -15.71 0.70 -17.50
N ARG A 35 -15.57 0.44 -18.79
CA ARG A 35 -16.62 -0.19 -19.58
C ARG A 35 -16.17 -1.55 -20.09
N LEU A 36 -17.01 -2.56 -19.89
CA LEU A 36 -16.81 -3.87 -20.50
C LEU A 36 -17.77 -4.01 -21.68
N SER A 37 -17.35 -4.74 -22.70
CA SER A 37 -18.12 -4.90 -23.93
C SER A 37 -18.03 -6.34 -24.42
N LEU A 38 -19.17 -6.87 -24.88
CA LEU A 38 -19.25 -8.25 -25.35
C LEU A 38 -19.65 -8.28 -26.82
N THR A 39 -18.70 -8.67 -27.68
CA THR A 39 -18.95 -8.81 -29.11
C THR A 39 -17.94 -9.77 -29.75
N SER A 40 -18.31 -11.04 -29.96
CA SER A 40 -19.61 -11.60 -29.60
C SER A 40 -19.56 -13.13 -29.68
N PRO A 41 -19.33 -13.79 -28.54
CA PRO A 41 -19.26 -15.26 -28.50
C PRO A 41 -19.35 -15.81 -27.08
N SER A 42 -19.87 -17.03 -26.97
CA SER A 42 -19.98 -17.73 -25.68
C SER A 42 -19.13 -19.01 -25.72
N TYR A 43 -18.81 -19.60 -24.56
CA TYR A 43 -19.18 -19.12 -23.23
C TYR A 43 -17.92 -18.86 -22.43
N ASN A 44 -17.80 -17.64 -21.89
CA ASN A 44 -16.60 -17.22 -21.16
C ASN A 44 -16.49 -17.95 -19.82
N LYS A 45 -15.28 -18.08 -19.27
CA LYS A 45 -14.05 -17.43 -19.79
C LYS A 45 -13.24 -18.33 -20.73
N PHE A 46 -12.41 -17.74 -21.59
CA PHE A 46 -12.23 -16.29 -21.72
C PHE A 46 -12.72 -15.79 -23.09
N ASP A 47 -13.89 -16.28 -23.48
CA ASP A 47 -14.50 -15.90 -24.77
C ASP A 47 -15.42 -14.68 -24.65
N GLY A 48 -15.45 -14.06 -23.46
CA GLY A 48 -16.25 -12.87 -23.21
C GLY A 48 -15.37 -11.71 -22.81
N GLY A 49 -15.98 -10.55 -22.55
CA GLY A 49 -15.26 -9.38 -22.07
C GLY A 49 -14.82 -9.62 -20.63
N GLY A 50 -13.63 -9.13 -20.29
CA GLY A 50 -13.13 -9.29 -18.92
C GLY A 50 -11.90 -8.49 -18.55
N ASN A 51 -11.88 -8.06 -17.28
CA ASN A 51 -10.75 -7.37 -16.67
C ASN A 51 -10.39 -8.11 -15.39
N GLN A 52 -9.14 -8.02 -14.95
CA GLN A 52 -8.72 -8.68 -13.72
C GLN A 52 -7.59 -7.92 -13.03
N SER A 53 -7.47 -8.13 -11.72
CA SER A 53 -6.44 -7.48 -10.93
C SER A 53 -5.09 -8.16 -11.15
N VAL A 54 -4.01 -7.41 -10.99
CA VAL A 54 -2.65 -7.93 -11.11
C VAL A 54 -2.28 -8.68 -9.84
N GLN A 55 -2.61 -8.09 -8.69
CA GLN A 55 -2.34 -8.67 -7.39
C GLN A 55 -3.51 -9.54 -6.93
N THR A 56 -3.25 -10.43 -5.99
CA THR A 56 -4.31 -11.23 -5.37
C THR A 56 -4.74 -10.59 -4.05
N TYR A 57 -5.98 -10.86 -3.65
CA TYR A 57 -6.57 -10.24 -2.46
C TYR A 57 -7.27 -11.29 -1.61
N GLY A 58 -7.38 -11.01 -0.31
CA GLY A 58 -7.91 -11.98 0.65
C GLY A 58 -9.11 -11.43 1.40
N TYR A 59 -9.18 -11.74 2.70
CA TYR A 59 -10.31 -11.33 3.54
C TYR A 59 -10.40 -9.82 3.62
N GLY A 60 -11.62 -9.30 3.70
CA GLY A 60 -11.86 -7.86 3.72
C GLY A 60 -13.16 -7.49 3.02
N LEU A 61 -13.42 -6.19 2.92
CA LEU A 61 -14.63 -5.69 2.30
C LEU A 61 -14.37 -5.35 0.83
N TYR A 62 -15.11 -6.01 -0.06
CA TYR A 62 -15.05 -5.72 -1.50
C TYR A 62 -16.31 -4.97 -1.87
N GLU A 63 -16.15 -3.77 -2.43
CA GLU A 63 -17.27 -2.96 -2.88
C GLU A 63 -17.11 -2.62 -4.35
N VAL A 64 -18.21 -2.74 -5.10
CA VAL A 64 -18.23 -2.38 -6.51
C VAL A 64 -19.49 -1.57 -6.83
N ASN A 65 -19.29 -0.38 -7.39
CA ASN A 65 -20.37 0.48 -7.83
C ASN A 65 -20.50 0.36 -9.34
N MET A 66 -21.48 -0.41 -9.79
CA MET A 66 -21.58 -0.79 -11.19
C MET A 66 -23.00 -0.80 -11.73
N LYS A 67 -23.09 -0.99 -13.05
CA LYS A 67 -24.34 -1.14 -13.77
C LYS A 67 -24.20 -2.30 -14.76
N PRO A 68 -25.00 -3.37 -14.60
CA PRO A 68 -24.91 -4.48 -15.53
C PRO A 68 -25.52 -4.17 -16.88
N ALA A 69 -25.15 -4.95 -17.90
CA ALA A 69 -25.77 -4.86 -19.21
C ALA A 69 -27.19 -5.44 -19.14
N LYS A 70 -28.13 -4.79 -19.83
CA LYS A 70 -29.51 -5.24 -19.84
C LYS A 70 -29.86 -5.85 -21.20
N ASN A 71 -29.68 -7.17 -21.29
CA ASN A 71 -30.05 -7.92 -22.49
C ASN A 71 -30.11 -9.41 -22.18
N VAL A 72 -31.13 -10.09 -22.70
CA VAL A 72 -31.29 -11.53 -22.48
C VAL A 72 -30.05 -12.31 -22.94
N GLY A 73 -29.64 -13.30 -22.15
CA GLY A 73 -28.49 -14.13 -22.49
C GLY A 73 -27.20 -13.77 -21.78
N ILE A 74 -26.92 -12.47 -21.65
CA ILE A 74 -25.63 -12.00 -21.13
C ILE A 74 -25.58 -11.97 -19.60
N VAL A 75 -24.37 -12.07 -19.05
CA VAL A 75 -24.14 -12.01 -17.61
C VAL A 75 -23.03 -11.02 -17.30
N SER A 76 -23.31 -10.07 -16.41
CA SER A 76 -22.33 -9.10 -15.92
C SER A 76 -21.92 -9.53 -14.52
N ALA A 77 -20.61 -9.54 -14.26
CA ALA A 77 -20.11 -10.10 -13.01
C ALA A 77 -19.04 -9.24 -12.34
N PHE A 78 -18.98 -9.37 -11.01
CA PHE A 78 -17.86 -8.89 -10.21
C PHE A 78 -17.52 -10.01 -9.24
N TYR A 79 -16.27 -10.45 -9.22
CA TYR A 79 -15.90 -11.59 -8.39
C TYR A 79 -14.42 -11.66 -8.08
N THR A 80 -14.11 -12.35 -6.98
CA THR A 80 -12.75 -12.75 -6.65
C THR A 80 -12.60 -14.21 -7.07
N SER A 81 -11.41 -14.60 -7.50
CA SER A 81 -11.19 -15.99 -7.89
C SER A 81 -9.70 -16.36 -7.95
N THR A 82 -9.42 -17.63 -7.66
CA THR A 82 -8.08 -18.19 -7.83
C THR A 82 -7.84 -18.62 -9.28
N GLY A 83 -8.90 -18.59 -10.08
CA GLY A 83 -8.86 -18.95 -11.49
C GLY A 83 -9.94 -19.97 -11.76
N PRO A 84 -9.60 -21.27 -11.72
CA PRO A 84 -8.26 -21.85 -11.57
C PRO A 84 -7.58 -21.92 -12.95
N THR A 85 -6.27 -22.14 -13.07
CA THR A 85 -5.29 -22.39 -11.99
C THR A 85 -5.07 -23.74 -11.30
N ASP A 86 -4.30 -24.59 -11.98
CA ASP A 86 -4.02 -25.94 -11.49
C ASP A 86 -2.91 -25.89 -10.43
N GLY A 87 -3.04 -26.76 -9.43
CA GLY A 87 -2.18 -26.71 -8.24
C GLY A 87 -2.65 -25.69 -7.22
N THR A 88 -3.88 -25.18 -7.41
CA THR A 88 -4.48 -24.20 -6.52
C THR A 88 -5.97 -24.51 -6.36
N PRO A 89 -6.51 -24.38 -5.14
CA PRO A 89 -7.94 -24.66 -4.97
C PRO A 89 -8.80 -23.58 -5.62
N TRP A 90 -9.93 -23.98 -6.21
CA TRP A 90 -10.84 -23.02 -6.82
C TRP A 90 -11.72 -22.36 -5.76
N ASP A 91 -11.26 -21.21 -5.27
CA ASP A 91 -12.00 -20.39 -4.31
C ASP A 91 -12.43 -19.10 -5.03
N GLU A 92 -13.72 -18.79 -4.94
CA GLU A 92 -14.30 -17.65 -5.66
C GLU A 92 -15.56 -17.15 -4.96
N ILE A 93 -15.79 -15.83 -5.01
CA ILE A 93 -16.99 -15.21 -4.45
C ILE A 93 -17.59 -14.26 -5.49
N ASP A 94 -18.89 -14.41 -5.74
CA ASP A 94 -19.51 -13.83 -6.94
C ASP A 94 -20.63 -12.84 -6.67
N ILE A 95 -20.65 -11.79 -7.47
CA ILE A 95 -21.82 -10.91 -7.64
C ILE A 95 -22.13 -10.92 -9.12
N GLU A 96 -23.27 -11.49 -9.50
CA GLU A 96 -23.63 -11.65 -10.91
C GLU A 96 -25.01 -11.09 -11.22
N PHE A 97 -25.14 -10.53 -12.41
CA PHE A 97 -26.41 -9.99 -12.89
C PHE A 97 -26.76 -10.66 -14.20
N LEU A 98 -27.90 -11.35 -14.23
CA LEU A 98 -28.43 -11.95 -15.45
C LEU A 98 -29.12 -10.84 -16.23
N GLY A 99 -28.70 -10.63 -17.47
CA GLY A 99 -29.22 -9.54 -18.28
C GLY A 99 -30.70 -9.60 -18.59
N LYS A 100 -31.26 -10.81 -18.58
CA LYS A 100 -32.70 -11.00 -18.81
C LYS A 100 -33.58 -10.36 -17.72
N ASP A 101 -33.02 -10.21 -16.51
CA ASP A 101 -33.70 -9.52 -15.42
C ASP A 101 -32.69 -8.84 -14.50
N THR A 102 -32.51 -7.53 -14.70
CA THR A 102 -31.58 -6.73 -13.90
C THR A 102 -32.26 -6.09 -12.68
N THR A 103 -33.45 -6.58 -12.33
CA THR A 103 -34.07 -6.24 -11.05
C THR A 103 -33.67 -7.27 -9.99
N LYS A 104 -32.91 -8.28 -10.40
CA LYS A 104 -32.39 -9.31 -9.50
C LYS A 104 -30.86 -9.31 -9.53
N VAL A 105 -30.26 -9.77 -8.44
CA VAL A 105 -28.82 -10.02 -8.38
C VAL A 105 -28.62 -11.43 -7.83
N GLN A 106 -27.58 -12.10 -8.32
CA GLN A 106 -27.26 -13.44 -7.88
C GLN A 106 -25.96 -13.43 -7.09
N PHE A 107 -25.99 -14.00 -5.89
CA PHE A 107 -24.78 -14.22 -5.11
C PHE A 107 -24.42 -15.70 -5.18
N ASN A 108 -23.12 -15.99 -5.04
CA ASN A 108 -22.61 -17.36 -5.08
C ASN A 108 -21.18 -17.39 -4.55
N TYR A 109 -20.68 -18.58 -4.24
CA TYR A 109 -19.26 -18.75 -3.96
C TYR A 109 -18.81 -20.18 -4.18
N TYR A 110 -17.50 -20.33 -4.42
CA TYR A 110 -16.86 -21.62 -4.61
C TYR A 110 -15.77 -21.81 -3.57
N THR A 111 -15.63 -23.04 -3.09
CA THR A 111 -14.58 -23.40 -2.13
C THR A 111 -14.06 -24.79 -2.48
N ASN A 112 -12.76 -24.88 -2.76
CA ASN A 112 -12.15 -26.12 -3.25
C ASN A 112 -12.92 -26.73 -4.43
N GLY A 113 -13.42 -25.87 -5.32
CA GLY A 113 -14.11 -26.29 -6.52
C GLY A 113 -15.58 -26.63 -6.33
N VAL A 114 -16.11 -26.41 -5.12
CA VAL A 114 -17.50 -26.71 -4.82
C VAL A 114 -18.28 -25.41 -4.63
N GLY A 115 -19.17 -25.13 -5.58
CA GLY A 115 -20.06 -23.98 -5.50
C GLY A 115 -21.48 -24.42 -5.15
N ASN A 116 -22.41 -24.16 -6.06
CA ASN A 116 -23.84 -24.44 -5.85
C ASN A 116 -24.40 -23.72 -4.61
N HIS A 117 -24.00 -22.47 -4.42
CA HIS A 117 -24.51 -21.64 -3.32
C HIS A 117 -25.30 -20.45 -3.87
N GLU A 118 -25.95 -20.64 -5.02
CA GLU A 118 -26.63 -19.54 -5.72
C GLU A 118 -27.79 -18.99 -4.89
N LYS A 119 -27.71 -17.69 -4.57
CA LYS A 119 -28.80 -17.00 -3.90
C LYS A 119 -29.21 -15.80 -4.74
N ILE A 120 -30.42 -15.84 -5.27
CA ILE A 120 -30.96 -14.76 -6.09
C ILE A 120 -31.75 -13.83 -5.19
N VAL A 121 -31.43 -12.55 -5.26
CA VAL A 121 -32.05 -11.53 -4.42
C VAL A 121 -32.71 -10.47 -5.29
N ASN A 122 -33.97 -10.17 -5.00
CA ASN A 122 -34.68 -9.07 -5.65
C ASN A 122 -34.14 -7.77 -5.11
N LEU A 123 -33.73 -6.87 -6.01
CA LEU A 123 -33.06 -5.63 -5.61
C LEU A 123 -34.05 -4.54 -5.20
N GLY A 124 -35.24 -4.54 -5.79
CA GLY A 124 -36.21 -3.46 -5.61
C GLY A 124 -35.97 -2.30 -6.56
N PHE A 125 -35.08 -2.51 -7.53
CA PHE A 125 -34.75 -1.52 -8.54
C PHE A 125 -34.09 -2.21 -9.74
N ASP A 126 -34.13 -1.56 -10.89
CA ASP A 126 -33.42 -2.06 -12.06
C ASP A 126 -31.97 -1.63 -11.97
N ALA A 127 -31.06 -2.60 -11.82
CA ALA A 127 -29.65 -2.32 -11.63
C ALA A 127 -29.00 -1.62 -12.83
N ALA A 128 -29.57 -1.83 -14.01
CA ALA A 128 -29.04 -1.24 -15.25
C ALA A 128 -29.29 0.27 -15.38
N ASN A 129 -30.33 0.78 -14.70
CA ASN A 129 -30.76 2.17 -14.88
C ASN A 129 -29.91 3.20 -14.15
N SER A 130 -29.41 2.85 -12.97
CA SER A 130 -28.53 3.74 -12.21
C SER A 130 -27.43 2.96 -11.52
N TYR A 131 -26.44 3.69 -10.99
CA TYR A 131 -25.36 3.06 -10.27
C TYR A 131 -25.78 2.70 -8.84
N HIS A 132 -25.51 1.45 -8.46
CA HIS A 132 -25.71 0.98 -7.10
C HIS A 132 -24.43 0.31 -6.64
N THR A 133 -24.16 0.35 -5.34
CA THR A 133 -22.96 -0.25 -4.77
C THR A 133 -23.27 -1.66 -4.27
N TYR A 134 -22.54 -2.64 -4.79
CA TYR A 134 -22.69 -4.04 -4.39
C TYR A 134 -21.41 -4.47 -3.70
N ALA A 135 -21.55 -5.15 -2.56
CA ALA A 135 -20.40 -5.51 -1.74
C ALA A 135 -20.50 -6.93 -1.21
N PHE A 136 -19.34 -7.48 -0.84
CA PHE A 136 -19.29 -8.61 0.07
C PHE A 136 -18.14 -8.45 1.07
N ASP A 137 -18.44 -8.74 2.33
CA ASP A 137 -17.46 -8.76 3.39
C ASP A 137 -17.01 -10.20 3.56
N TRP A 138 -15.82 -10.50 3.06
CA TRP A 138 -15.28 -11.86 3.08
C TRP A 138 -14.37 -12.05 4.29
N GLN A 139 -14.82 -12.90 5.22
CA GLN A 139 -14.02 -13.29 6.38
C GLN A 139 -14.01 -14.82 6.44
N PRO A 140 -13.09 -15.41 7.21
CA PRO A 140 -12.94 -16.87 7.26
C PRO A 140 -14.21 -17.66 7.58
N ASN A 141 -15.10 -17.08 8.38
CA ASN A 141 -16.30 -17.76 8.84
C ASN A 141 -17.63 -17.17 8.33
N SER A 142 -17.55 -16.15 7.47
CA SER A 142 -18.76 -15.58 6.89
C SER A 142 -18.50 -14.73 5.66
N ILE A 143 -19.40 -14.83 4.68
CA ILE A 143 -19.51 -13.85 3.62
C ILE A 143 -20.86 -13.16 3.78
N LYS A 144 -20.83 -11.83 3.78
CA LYS A 144 -22.05 -11.03 3.88
C LYS A 144 -22.14 -10.13 2.66
N TRP A 145 -23.19 -10.32 1.87
CA TRP A 145 -23.41 -9.51 0.67
C TRP A 145 -24.30 -8.32 0.99
N TYR A 146 -23.88 -7.13 0.54
CA TYR A 146 -24.64 -5.90 0.74
C TYR A 146 -25.06 -5.31 -0.59
N VAL A 147 -26.20 -4.63 -0.60
CA VAL A 147 -26.65 -3.83 -1.73
C VAL A 147 -27.02 -2.44 -1.21
N ASP A 148 -26.26 -1.44 -1.64
CA ASP A 148 -26.40 -0.06 -1.14
C ASP A 148 -26.33 0.01 0.39
N GLY A 149 -25.39 -0.74 0.96
CA GLY A 149 -25.13 -0.69 2.41
C GLY A 149 -26.04 -1.55 3.27
N GLN A 150 -27.09 -2.13 2.68
CA GLN A 150 -28.04 -2.96 3.39
C GLN A 150 -27.70 -4.43 3.20
N LEU A 151 -27.69 -5.18 4.30
CA LEU A 151 -27.37 -6.61 4.26
C LEU A 151 -28.45 -7.37 3.51
N LYS A 152 -28.04 -8.17 2.52
CA LYS A 152 -28.98 -8.92 1.68
C LYS A 152 -28.85 -10.43 1.79
N HIS A 153 -27.66 -10.93 2.12
CA HIS A 153 -27.44 -12.37 2.27
C HIS A 153 -26.20 -12.65 3.12
N THR A 154 -26.23 -13.77 3.83
CA THR A 154 -25.09 -14.21 4.65
C THR A 154 -24.84 -15.69 4.42
N ALA A 155 -23.58 -16.04 4.15
CA ALA A 155 -23.13 -17.43 4.10
C ALA A 155 -22.15 -17.66 5.25
N THR A 156 -22.25 -18.80 5.90
CA THR A 156 -21.42 -19.10 7.08
C THR A 156 -20.69 -20.45 7.01
N THR A 157 -20.98 -21.27 6.01
CA THR A 157 -20.39 -22.60 5.89
C THR A 157 -19.60 -22.76 4.58
N GLN A 158 -18.54 -23.56 4.63
CA GLN A 158 -17.64 -23.80 3.49
C GLN A 158 -17.18 -22.50 2.82
N ILE A 159 -16.73 -21.55 3.64
CA ILE A 159 -16.29 -20.25 3.15
C ILE A 159 -14.90 -20.38 2.51
N PRO A 160 -14.69 -19.73 1.36
CA PRO A 160 -13.38 -19.80 0.72
C PRO A 160 -12.27 -19.16 1.57
N GLN A 161 -11.03 -19.61 1.37
CA GLN A 161 -9.90 -19.13 2.15
C GLN A 161 -8.70 -18.65 1.30
N THR A 162 -8.60 -19.15 0.07
CA THR A 162 -7.45 -18.85 -0.78
C THR A 162 -7.60 -17.47 -1.44
N PRO A 163 -6.62 -16.57 -1.22
CA PRO A 163 -6.62 -15.29 -1.91
C PRO A 163 -6.72 -15.41 -3.43
N GLY A 164 -7.48 -14.51 -4.04
CA GLY A 164 -7.71 -14.54 -5.47
C GLY A 164 -7.62 -13.16 -6.08
N LYS A 165 -7.64 -13.11 -7.41
CA LYS A 165 -7.65 -11.84 -8.13
C LYS A 165 -9.07 -11.32 -8.23
N ILE A 166 -9.22 -10.00 -8.32
CA ILE A 166 -10.52 -9.38 -8.53
C ILE A 166 -10.80 -9.35 -10.03
N TYR A 167 -11.97 -9.84 -10.42
CA TYR A 167 -12.36 -9.89 -11.83
C TYR A 167 -13.60 -9.07 -12.11
N MET A 168 -13.70 -8.60 -13.35
CA MET A 168 -14.94 -8.09 -13.91
C MET A 168 -15.10 -8.75 -15.26
N SER A 169 -16.28 -9.29 -15.55
CA SER A 169 -16.51 -9.96 -16.83
C SER A 169 -17.93 -9.78 -17.35
N LEU A 170 -18.04 -9.79 -18.68
CA LEU A 170 -19.30 -9.70 -19.39
C LEU A 170 -19.28 -10.77 -20.46
N TRP A 171 -20.24 -11.70 -20.41
CA TRP A 171 -20.16 -12.90 -21.26
C TRP A 171 -21.52 -13.52 -21.60
N ALA A 172 -21.48 -14.47 -22.54
CA ALA A 172 -22.62 -15.30 -22.94
C ALA A 172 -23.44 -14.64 -24.06
N LEU A 189 -23.45 -3.94 -26.41
CA LEU A 189 -23.82 -4.21 -25.02
C LEU A 189 -22.65 -3.93 -24.09
N TYR A 190 -22.93 -3.22 -22.99
CA TYR A 190 -21.89 -2.77 -22.07
C TYR A 190 -22.26 -2.98 -20.61
N ALA A 191 -21.26 -3.35 -19.81
CA ALA A 191 -21.36 -3.28 -18.35
C ALA A 191 -20.42 -2.17 -17.89
N HIS A 192 -20.91 -1.30 -17.03
CA HIS A 192 -20.13 -0.15 -16.57
C HIS A 192 -19.77 -0.27 -15.10
N TYR A 193 -18.53 0.09 -14.77
CA TYR A 193 -18.02 0.02 -13.41
C TYR A 193 -17.53 1.41 -13.02
N ASN A 194 -18.23 2.03 -12.08
CA ASN A 194 -17.94 3.39 -11.66
C ASN A 194 -16.71 3.43 -10.77
N TRP A 195 -16.72 2.61 -9.73
CA TRP A 195 -15.56 2.49 -8.86
C TRP A 195 -15.54 1.15 -8.13
N VAL A 196 -14.36 0.80 -7.65
CA VAL A 196 -14.14 -0.41 -6.86
C VAL A 196 -13.37 -0.03 -5.60
N ARG A 197 -13.63 -0.75 -4.51
CA ARG A 197 -12.89 -0.54 -3.27
C ARG A 197 -12.70 -1.86 -2.55
N TYR A 198 -11.46 -2.13 -2.15
CA TYR A 198 -11.14 -3.24 -1.27
C TYR A 198 -10.60 -2.68 0.03
N THR A 199 -11.16 -3.13 1.15
CA THR A 199 -10.70 -2.72 2.47
C THR A 199 -10.24 -3.98 3.23
N LYS A 200 -8.93 -4.11 3.40
CA LYS A 200 -8.34 -5.18 4.17
C LYS A 200 -8.64 -4.95 5.66
N ARG A 201 -9.76 -5.49 6.13
CA ARG A 201 -10.23 -5.25 7.50
C ARG A 201 -9.49 -6.15 8.49
N GLN B 1 10.85 2.76 -6.96
CA GLN B 1 10.78 2.27 -5.55
C GLN B 1 9.81 1.09 -5.44
N THR B 2 9.98 0.28 -4.40
CA THR B 2 9.12 -0.87 -4.15
C THR B 2 8.04 -0.59 -3.08
N GLY B 3 8.16 0.51 -2.35
CA GLY B 3 7.25 0.83 -1.25
C GLY B 3 6.44 2.11 -1.44
N GLY B 4 5.19 2.08 -0.99
CA GLY B 4 4.31 3.25 -1.03
C GLY B 4 4.19 3.93 0.31
N SER B 5 3.28 4.89 0.39
CA SER B 5 3.08 5.67 1.61
C SER B 5 2.72 4.80 2.81
N PHE B 6 3.18 5.21 3.99
CA PHE B 6 2.85 4.48 5.23
C PHE B 6 3.01 5.36 6.46
N TYR B 7 2.34 4.96 7.54
CA TYR B 7 2.53 5.55 8.85
C TYR B 7 2.93 4.45 9.83
N GLU B 8 4.03 4.67 10.54
CA GLU B 8 4.56 3.70 11.51
C GLU B 8 4.53 4.30 12.91
N PRO B 9 3.54 3.92 13.74
CA PRO B 9 3.45 4.40 15.12
C PRO B 9 4.38 3.66 16.10
N PHE B 10 5.00 2.57 15.66
CA PHE B 10 5.90 1.75 16.49
C PHE B 10 5.22 1.21 17.75
N ASN B 11 4.01 0.69 17.59
CA ASN B 11 3.32 -0.02 18.66
C ASN B 11 3.79 -1.47 18.72
N ASN B 12 4.04 -2.05 17.54
CA ASN B 12 4.68 -3.36 17.40
C ASN B 12 5.86 -3.22 16.44
N TYR B 13 6.71 -4.24 16.39
CA TYR B 13 7.79 -4.28 15.40
C TYR B 13 7.35 -5.06 14.15
N ASN B 14 7.03 -4.32 13.09
CA ASN B 14 6.61 -4.91 11.83
C ASN B 14 7.82 -5.36 11.03
N THR B 15 8.03 -6.68 10.95
CA THR B 15 9.14 -7.26 10.21
C THR B 15 8.90 -7.25 8.69
N GLY B 16 7.66 -7.01 8.30
CA GLY B 16 7.31 -6.81 6.89
C GLY B 16 7.68 -5.42 6.40
N LEU B 17 7.87 -4.49 7.32
CA LEU B 17 8.23 -3.11 7.01
C LEU B 17 9.68 -2.78 7.39
N TRP B 18 10.23 -3.48 8.40
CA TRP B 18 11.59 -3.22 8.88
C TRP B 18 12.41 -4.49 9.10
N GLN B 19 13.73 -4.31 9.12
CA GLN B 19 14.65 -5.36 9.53
C GLN B 19 15.79 -4.77 10.37
N LYS B 20 16.18 -5.51 11.40
CA LYS B 20 17.23 -5.08 12.32
C LYS B 20 18.57 -5.50 11.75
N TRP B 21 19.62 -4.72 11.99
CA TRP B 21 20.96 -5.14 11.64
C TRP B 21 21.35 -6.29 12.56
N ALA B 22 21.29 -6.02 13.86
CA ALA B 22 21.48 -7.03 14.89
C ALA B 22 20.30 -6.96 15.86
N PHE B 23 19.99 -8.09 16.50
CA PHE B 23 18.78 -8.21 17.32
C PHE B 23 18.76 -7.31 18.55
N ASP B 24 19.94 -6.99 19.09
CA ASP B 24 20.02 -6.20 20.31
C ASP B 24 20.29 -4.70 20.04
N HIS B 25 19.85 -4.20 18.89
CA HIS B 25 20.22 -2.85 18.47
C HIS B 25 19.40 -1.62 18.95
N VAL B 26 18.06 -1.60 19.01
CA VAL B 26 17.09 -2.63 18.60
C VAL B 26 16.11 -3.29 19.60
N SER B 27 15.13 -2.50 20.05
CA SER B 27 14.09 -2.97 20.97
C SER B 27 12.89 -2.03 20.96
N MET B 28 11.73 -2.56 21.34
CA MET B 28 10.50 -1.77 21.44
C MET B 28 10.21 -1.48 22.90
N THR B 29 9.65 -0.30 23.18
CA THR B 29 9.24 0.08 24.53
C THR B 29 7.73 -0.07 24.68
N SER B 30 7.25 0.03 25.93
CA SER B 30 5.83 -0.11 26.24
C SER B 30 5.00 1.13 25.86
N LEU B 31 5.68 2.27 25.64
CA LEU B 31 5.01 3.53 25.32
C LEU B 31 4.99 3.82 23.82
N GLY B 32 5.07 2.78 22.99
CA GLY B 32 4.99 2.93 21.54
C GLY B 32 6.20 3.62 20.92
N GLU B 33 7.39 3.18 21.29
CA GLU B 33 8.62 3.73 20.75
C GLU B 33 9.55 2.62 20.27
N MET B 34 10.25 2.87 19.16
CA MET B 34 11.37 2.04 18.76
C MET B 34 12.61 2.63 19.41
N ARG B 35 13.43 1.77 20.01
CA ARG B 35 14.63 2.20 20.71
C ARG B 35 15.88 1.63 20.06
N LEU B 36 16.83 2.50 19.72
CA LEU B 36 18.16 2.09 19.28
C LEU B 36 19.12 2.23 20.47
N SER B 37 20.16 1.40 20.47
CA SER B 37 21.13 1.36 21.56
C SER B 37 22.52 1.05 21.02
N LEU B 38 23.54 1.70 21.62
CA LEU B 38 24.92 1.57 21.19
C LEU B 38 25.78 1.03 22.32
N THR B 39 26.29 -0.19 22.16
CA THR B 39 27.17 -0.82 23.14
C THR B 39 28.05 -1.90 22.49
N SER B 40 29.28 -1.56 22.08
CA SER B 40 29.87 -0.22 22.20
C SER B 40 31.20 -0.14 21.42
N PRO B 41 31.13 0.34 20.18
CA PRO B 41 32.33 0.45 19.34
C PRO B 41 32.14 1.37 18.14
N SER B 42 33.23 1.63 17.42
CA SER B 42 33.21 2.44 16.20
C SER B 42 33.51 1.55 14.98
N TYR B 43 33.21 2.01 13.76
CA TYR B 43 32.65 3.33 13.48
C TYR B 43 31.26 3.26 12.81
N ASN B 44 31.24 3.26 11.48
CA ASN B 44 30.00 3.56 10.73
C ASN B 44 28.75 2.74 11.12
N LYS B 45 28.74 1.41 10.92
CA LYS B 45 29.87 0.60 10.46
C LYS B 45 29.45 -0.66 9.68
N PHE B 46 28.74 -1.62 10.28
CA PHE B 46 28.15 -1.55 11.62
C PHE B 46 28.27 -2.90 12.35
N ASP B 47 28.44 -2.93 13.67
CA ASP B 47 28.61 -1.77 14.59
C ASP B 47 27.48 -0.72 14.56
N GLY B 48 26.26 -1.22 14.75
CA GLY B 48 25.08 -0.37 14.79
C GLY B 48 24.93 0.39 16.09
N GLY B 49 23.71 0.69 16.52
CA GLY B 49 22.47 0.31 15.84
C GLY B 49 22.31 0.95 14.47
N GLY B 50 21.32 0.49 13.68
CA GLY B 50 20.38 -0.52 14.11
C GLY B 50 19.35 -0.99 13.11
N ASN B 51 18.57 -0.06 12.55
CA ASN B 51 17.34 -0.43 11.84
C ASN B 51 17.27 0.08 10.39
N GLN B 52 16.59 -0.67 9.53
CA GLN B 52 16.41 -0.29 8.13
C GLN B 52 15.13 -0.88 7.55
N SER B 53 14.59 -0.23 6.53
CA SER B 53 13.36 -0.68 5.89
C SER B 53 13.62 -1.87 4.98
N VAL B 54 12.59 -2.69 4.77
CA VAL B 54 12.67 -3.83 3.87
C VAL B 54 12.56 -3.36 2.42
N GLN B 55 11.62 -2.44 2.19
CA GLN B 55 11.36 -1.91 0.86
C GLN B 55 12.17 -0.63 0.61
N THR B 56 12.38 -0.30 -0.66
CA THR B 56 13.03 0.96 -1.02
C THR B 56 11.98 2.05 -1.23
N TYR B 57 12.38 3.30 -1.02
CA TYR B 57 11.47 4.44 -1.11
C TYR B 57 12.10 5.57 -1.92
N GLY B 58 11.26 6.40 -2.53
CA GLY B 58 11.70 7.43 -3.46
C GLY B 58 11.21 8.80 -3.08
N TYR B 59 10.84 9.60 -4.07
CA TYR B 59 10.42 10.97 -3.85
C TYR B 59 9.17 11.01 -2.97
N GLY B 60 9.12 11.99 -2.05
CA GLY B 60 8.00 12.13 -1.14
C GLY B 60 8.39 12.76 0.18
N LEU B 61 7.42 12.86 1.09
CA LEU B 61 7.65 13.46 2.39
C LEU B 61 8.02 12.39 3.42
N TYR B 62 9.22 12.49 3.98
CA TYR B 62 9.68 11.63 5.05
C TYR B 62 9.61 12.41 6.35
N GLU B 63 8.95 11.85 7.36
CA GLU B 63 8.83 12.48 8.66
C GLU B 63 9.20 11.50 9.77
N VAL B 64 10.03 11.94 10.70
CA VAL B 64 10.42 11.12 11.85
C VAL B 64 10.28 11.93 13.14
N ASN B 65 9.51 11.39 14.08
CA ASN B 65 9.31 11.99 15.39
C ASN B 65 10.17 11.24 16.40
N MET B 66 11.31 11.84 16.75
CA MET B 66 12.35 11.12 17.50
C MET B 66 13.04 11.97 18.55
N LYS B 67 13.86 11.30 19.35
CA LYS B 67 14.79 11.93 20.28
C LYS B 67 16.17 11.30 20.11
N PRO B 68 17.20 12.11 19.83
CA PRO B 68 18.54 11.56 19.74
C PRO B 68 19.15 11.26 21.11
N ALA B 69 20.21 10.45 21.13
CA ALA B 69 20.95 10.20 22.35
C ALA B 69 21.78 11.44 22.69
N LYS B 70 21.84 11.76 23.98
CA LYS B 70 22.63 12.90 24.45
C LYS B 70 23.90 12.40 25.13
N ASN B 71 24.97 12.29 24.35
CA ASN B 71 26.27 11.91 24.87
C ASN B 71 27.36 12.21 23.83
N VAL B 72 28.47 12.78 24.29
CA VAL B 72 29.58 13.13 23.40
C VAL B 72 30.05 11.93 22.59
N GLY B 73 30.42 12.16 21.33
CA GLY B 73 30.91 11.10 20.45
C GLY B 73 29.84 10.45 19.59
N ILE B 74 28.70 10.09 20.18
CA ILE B 74 27.68 9.32 19.47
C ILE B 74 26.86 10.17 18.49
N VAL B 75 26.28 9.51 17.49
CA VAL B 75 25.46 10.15 16.46
C VAL B 75 24.18 9.36 16.24
N SER B 76 23.04 10.04 16.35
CA SER B 76 21.72 9.46 16.08
C SER B 76 21.26 9.98 14.72
N ALA B 77 20.74 9.08 13.89
CA ALA B 77 20.42 9.44 12.50
C ALA B 77 19.07 8.89 12.02
N PHE B 78 18.49 9.61 11.07
CA PHE B 78 17.38 9.13 10.24
C PHE B 78 17.74 9.47 8.80
N TYR B 79 17.75 8.47 7.92
CA TYR B 79 18.19 8.71 6.55
C TYR B 79 17.67 7.68 5.55
N THR B 80 17.61 8.10 4.29
CA THR B 80 17.38 7.20 3.16
C THR B 80 18.73 6.95 2.52
N SER B 81 18.96 5.75 1.99
CA SER B 81 20.23 5.42 1.36
C SER B 81 20.15 4.18 0.46
N THR B 82 20.95 4.18 -0.60
CA THR B 82 21.13 3.00 -1.43
C THR B 82 22.16 2.04 -0.81
N GLY B 83 22.84 2.50 0.24
CA GLY B 83 23.76 1.67 1.01
C GLY B 83 25.04 2.42 1.36
N PRO B 84 25.96 2.55 0.39
CA PRO B 84 25.83 2.07 -0.99
C PRO B 84 26.03 0.56 -1.14
N THR B 85 25.23 -0.03 -2.01
CA THR B 85 25.49 -1.36 -2.54
C THR B 85 26.24 -1.19 -3.86
N ASP B 86 26.78 -2.28 -4.39
CA ASP B 86 27.52 -2.25 -5.66
C ASP B 86 26.75 -3.11 -6.66
N GLY B 87 26.54 -2.64 -7.90
CA GLY B 87 26.95 -1.32 -8.39
C GLY B 87 25.74 -0.40 -8.51
N THR B 88 25.37 0.20 -7.39
CA THR B 88 24.29 1.18 -7.33
C THR B 88 24.90 2.53 -6.96
N PRO B 89 24.36 3.63 -7.52
CA PRO B 89 24.89 4.93 -7.11
C PRO B 89 24.60 5.20 -5.64
N TRP B 90 25.54 5.83 -4.94
CA TRP B 90 25.33 6.18 -3.55
C TRP B 90 24.50 7.46 -3.44
N ASP B 91 23.18 7.28 -3.34
CA ASP B 91 22.25 8.37 -3.10
C ASP B 91 21.71 8.24 -1.68
N GLU B 92 21.73 9.35 -0.94
CA GLU B 92 21.34 9.34 0.48
C GLU B 92 20.94 10.74 0.94
N ILE B 93 19.98 10.82 1.84
CA ILE B 93 19.53 12.08 2.45
C ILE B 93 19.47 11.90 3.96
N ASP B 94 20.08 12.81 4.71
CA ASP B 94 20.38 12.60 6.14
C ASP B 94 19.76 13.61 7.09
N ILE B 95 19.28 13.10 8.23
CA ILE B 95 18.99 13.90 9.42
C ILE B 95 19.84 13.30 10.53
N GLU B 96 20.85 14.03 11.00
CA GLU B 96 21.77 13.52 12.02
C GLU B 96 21.84 14.46 13.23
N PHE B 97 22.03 13.87 14.41
CA PHE B 97 22.21 14.63 15.64
C PHE B 97 23.54 14.20 16.27
N LEU B 98 24.44 15.15 16.48
CA LEU B 98 25.68 14.89 17.20
C LEU B 98 25.36 14.93 18.68
N GLY B 99 25.64 13.84 19.39
CA GLY B 99 25.32 13.74 20.81
C GLY B 99 25.95 14.80 21.69
N LYS B 100 27.11 15.31 21.28
CA LYS B 100 27.80 16.37 22.03
C LYS B 100 26.99 17.67 22.15
N ASP B 101 26.10 17.92 21.18
CA ASP B 101 25.19 19.06 21.24
C ASP B 101 23.87 18.72 20.54
N THR B 102 22.85 18.41 21.34
CA THR B 102 21.54 18.01 20.83
C THR B 102 20.59 19.21 20.65
N THR B 103 21.13 20.41 20.74
CA THR B 103 20.39 21.62 20.40
C THR B 103 20.57 21.97 18.93
N LYS B 104 21.38 21.17 18.23
CA LYS B 104 21.61 21.31 16.80
C LYS B 104 21.20 20.04 16.06
N VAL B 105 20.81 20.20 14.80
CA VAL B 105 20.64 19.08 13.88
C VAL B 105 21.50 19.33 12.65
N GLN B 106 21.97 18.25 12.04
CA GLN B 106 22.76 18.34 10.82
C GLN B 106 21.98 17.73 9.66
N PHE B 107 21.87 18.47 8.57
CA PHE B 107 21.29 17.96 7.32
C PHE B 107 22.40 17.71 6.31
N ASN B 108 22.21 16.72 5.44
CA ASN B 108 23.21 16.36 4.43
C ASN B 108 22.57 15.49 3.35
N TYR B 109 23.25 15.34 2.22
CA TYR B 109 22.85 14.36 1.22
C TYR B 109 24.00 13.95 0.32
N TYR B 110 23.85 12.78 -0.29
CA TYR B 110 24.83 12.22 -1.22
C TYR B 110 24.14 11.94 -2.54
N THR B 111 24.85 12.21 -3.64
CA THR B 111 24.36 11.90 -4.97
C THR B 111 25.52 11.35 -5.80
N ASN B 112 25.38 10.11 -6.26
CA ASN B 112 26.44 9.41 -6.98
C ASN B 112 27.76 9.40 -6.21
N GLY B 113 27.67 9.25 -4.89
CA GLY B 113 28.85 9.16 -4.03
C GLY B 113 29.48 10.48 -3.64
N VAL B 114 28.81 11.59 -3.99
CA VAL B 114 29.32 12.91 -3.68
C VAL B 114 28.39 13.60 -2.66
N GLY B 115 28.90 13.76 -1.44
CA GLY B 115 28.18 14.44 -0.37
C GLY B 115 28.76 15.82 -0.14
N ASN B 116 29.25 16.03 1.08
CA ASN B 116 29.80 17.33 1.51
C ASN B 116 28.79 18.48 1.40
N HIS B 117 27.53 18.18 1.73
CA HIS B 117 26.46 19.18 1.76
C HIS B 117 25.99 19.46 3.19
N GLU B 118 26.90 19.36 4.16
CA GLU B 118 26.53 19.43 5.57
C GLU B 118 26.00 20.81 5.94
N LYS B 119 24.77 20.85 6.42
CA LYS B 119 24.16 22.08 6.93
C LYS B 119 23.72 21.86 8.37
N ILE B 120 24.40 22.53 9.30
CA ILE B 120 24.06 22.47 10.71
C ILE B 120 23.05 23.56 11.01
N VAL B 121 21.99 23.21 11.72
CA VAL B 121 20.90 24.12 12.04
C VAL B 121 20.64 24.12 13.53
N ASN B 122 20.59 25.30 14.14
CA ASN B 122 20.23 25.43 15.56
C ASN B 122 18.72 25.25 15.70
N LEU B 123 18.33 24.33 16.57
CA LEU B 123 16.93 23.94 16.71
C LEU B 123 16.11 24.91 17.55
N GLY B 124 16.75 25.57 18.52
CA GLY B 124 16.05 26.40 19.50
C GLY B 124 15.49 25.58 20.67
N PHE B 125 15.86 24.30 20.72
CA PHE B 125 15.47 23.41 21.81
C PHE B 125 16.45 22.25 21.87
N ASP B 126 16.51 21.57 23.01
CA ASP B 126 17.30 20.36 23.14
C ASP B 126 16.50 19.19 22.58
N ALA B 127 16.99 18.58 21.51
CA ALA B 127 16.26 17.51 20.82
C ALA B 127 16.06 16.27 21.70
N ALA B 128 16.96 16.07 22.65
CA ALA B 128 16.94 14.88 23.51
C ALA B 128 15.88 14.95 24.63
N ASN B 129 15.41 16.15 24.94
CA ASN B 129 14.50 16.36 26.08
C ASN B 129 13.02 16.09 25.77
N SER B 130 12.65 16.14 24.50
CA SER B 130 11.26 15.91 24.11
C SER B 130 11.18 15.46 22.66
N TYR B 131 10.02 14.93 22.26
CA TYR B 131 9.82 14.48 20.89
C TYR B 131 9.53 15.65 19.95
N HIS B 132 10.30 15.74 18.88
CA HIS B 132 10.07 16.70 17.80
C HIS B 132 10.02 15.95 16.47
N THR B 133 9.26 16.49 15.52
CA THR B 133 9.14 15.89 14.20
C THR B 133 10.14 16.53 13.25
N TYR B 134 11.01 15.68 12.69
CA TYR B 134 11.99 16.13 11.70
C TYR B 134 11.60 15.51 10.36
N ALA B 135 11.64 16.31 9.31
CA ALA B 135 11.22 15.84 7.99
C ALA B 135 12.15 16.30 6.89
N PHE B 136 12.07 15.62 5.75
CA PHE B 136 12.55 16.17 4.50
C PHE B 136 11.61 15.80 3.36
N ASP B 137 11.33 16.76 2.49
CA ASP B 137 10.51 16.55 1.31
C ASP B 137 11.46 16.39 0.13
N TRP B 138 11.62 15.15 -0.32
CA TRP B 138 12.55 14.82 -1.39
C TRP B 138 11.83 14.79 -2.73
N GLN B 139 12.20 15.71 -3.61
CA GLN B 139 11.69 15.76 -4.97
C GLN B 139 12.88 15.88 -5.92
N PRO B 140 12.69 15.59 -7.22
CA PRO B 140 13.80 15.56 -8.16
C PRO B 140 14.67 16.81 -8.19
N ASN B 141 14.07 17.98 -7.95
CA ASN B 141 14.79 19.25 -8.05
C ASN B 141 14.96 19.99 -6.73
N SER B 142 14.56 19.36 -5.61
CA SER B 142 14.75 19.98 -4.31
C SER B 142 14.61 18.98 -3.14
N ILE B 143 15.40 19.22 -2.10
CA ILE B 143 15.16 18.63 -0.79
C ILE B 143 14.87 19.78 0.17
N LYS B 144 13.78 19.66 0.92
CA LYS B 144 13.40 20.66 1.91
C LYS B 144 13.30 20.00 3.27
N TRP B 145 14.15 20.43 4.21
CA TRP B 145 14.15 19.87 5.57
C TRP B 145 13.28 20.71 6.50
N TYR B 146 12.40 20.04 7.24
CA TYR B 146 11.51 20.70 8.19
C TYR B 146 11.81 20.26 9.62
N VAL B 147 11.55 21.16 10.58
CA VAL B 147 11.60 20.84 12.00
C VAL B 147 10.33 21.38 12.65
N ASP B 148 9.51 20.48 13.19
CA ASP B 148 8.18 20.81 13.72
C ASP B 148 7.36 21.62 12.71
N GLY B 149 7.36 21.17 11.46
CA GLY B 149 6.55 21.78 10.40
C GLY B 149 7.11 23.04 9.77
N GLN B 150 8.23 23.55 10.31
CA GLN B 150 8.83 24.80 9.85
C GLN B 150 10.02 24.50 8.96
N LEU B 151 10.10 25.17 7.80
CA LEU B 151 11.20 24.98 6.86
C LEU B 151 12.50 25.49 7.47
N LYS B 152 13.54 24.66 7.43
CA LYS B 152 14.84 25.00 8.02
C LYS B 152 15.97 25.02 7.00
N HIS B 153 15.90 24.17 5.98
CA HIS B 153 16.90 24.15 4.93
C HIS B 153 16.31 23.70 3.59
N THR B 154 16.90 24.16 2.50
CA THR B 154 16.50 23.76 1.15
C THR B 154 17.74 23.54 0.29
N ALA B 155 17.79 22.39 -0.39
CA ALA B 155 18.82 22.11 -1.38
C ALA B 155 18.15 21.97 -2.74
N THR B 156 18.79 22.50 -3.79
CA THR B 156 18.23 22.48 -5.15
C THR B 156 19.19 21.97 -6.23
N THR B 157 20.42 21.61 -5.84
CA THR B 157 21.45 21.20 -6.79
C THR B 157 21.99 19.81 -6.45
N GLN B 158 22.32 19.03 -7.48
CA GLN B 158 22.81 17.65 -7.35
C GLN B 158 21.95 16.83 -6.38
N ILE B 159 20.64 16.86 -6.59
CA ILE B 159 19.69 16.15 -5.74
C ILE B 159 19.69 14.67 -6.11
N PRO B 160 19.68 13.78 -5.09
CA PRO B 160 19.67 12.34 -5.38
C PRO B 160 18.41 11.89 -6.11
N GLN B 161 18.50 10.82 -6.88
CA GLN B 161 17.38 10.32 -7.68
C GLN B 161 17.05 8.84 -7.46
N THR B 162 18.01 8.07 -6.96
CA THR B 162 17.84 6.63 -6.79
C THR B 162 17.10 6.32 -5.50
N PRO B 163 15.98 5.57 -5.59
CA PRO B 163 15.29 5.11 -4.39
C PRO B 163 16.21 4.31 -3.44
N GLY B 164 16.01 4.53 -2.14
CA GLY B 164 16.83 3.88 -1.11
C GLY B 164 15.96 3.38 0.03
N LYS B 165 16.60 2.66 0.95
CA LYS B 165 15.91 2.18 2.14
C LYS B 165 15.94 3.25 3.23
N ILE B 166 14.94 3.23 4.09
CA ILE B 166 14.88 4.14 5.24
C ILE B 166 15.67 3.51 6.39
N TYR B 167 16.60 4.28 6.95
CA TYR B 167 17.46 3.79 8.03
C TYR B 167 17.25 4.56 9.33
N MET B 168 17.57 3.90 10.43
CA MET B 168 17.77 4.53 11.73
C MET B 168 19.05 3.94 12.29
N SER B 169 19.96 4.79 12.75
CA SER B 169 21.23 4.31 13.29
C SER B 169 21.72 5.15 14.45
N LEU B 170 22.43 4.49 15.37
CA LEU B 170 23.07 5.13 16.51
C LEU B 170 24.47 4.54 16.62
N TRP B 171 25.49 5.33 16.30
CA TRP B 171 26.86 4.82 16.29
C TRP B 171 27.85 5.76 16.96
N ALA B 172 28.98 5.20 17.39
CA ALA B 172 29.99 5.94 18.15
C ALA B 172 30.82 6.86 17.25
N GLY B 173 31.94 6.35 16.74
CA GLY B 173 32.87 7.16 15.95
C GLY B 173 32.20 7.87 14.78
N LEU B 189 23.21 4.05 26.32
CA LEU B 189 22.75 5.19 25.54
C LEU B 189 21.68 4.77 24.55
N TYR B 190 20.66 5.61 24.37
CA TYR B 190 19.50 5.27 23.55
C TYR B 190 19.07 6.42 22.64
N ALA B 191 18.64 6.07 21.43
CA ALA B 191 17.93 6.97 20.55
C ALA B 191 16.51 6.40 20.38
N HIS B 192 15.51 7.24 20.62
CA HIS B 192 14.12 6.80 20.58
C HIS B 192 13.39 7.37 19.37
N TYR B 193 12.54 6.55 18.78
CA TYR B 193 11.76 6.93 17.60
C TYR B 193 10.29 6.67 17.90
N ASN B 194 9.52 7.74 17.99
CA ASN B 194 8.10 7.64 18.33
C ASN B 194 7.30 7.16 17.14
N TRP B 195 7.46 7.81 16.00
CA TRP B 195 6.79 7.37 14.78
C TRP B 195 7.52 7.85 13.53
N VAL B 196 7.23 7.17 12.42
CA VAL B 196 7.77 7.52 11.11
C VAL B 196 6.61 7.59 10.12
N ARG B 197 6.70 8.49 9.16
CA ARG B 197 5.70 8.59 8.11
C ARG B 197 6.34 8.92 6.78
N TYR B 198 6.00 8.13 5.75
CA TYR B 198 6.39 8.44 4.38
C TYR B 198 5.14 8.69 3.57
N THR B 199 5.10 9.83 2.87
CA THR B 199 4.02 10.17 1.98
C THR B 199 4.55 10.29 0.56
N LYS B 200 4.12 9.38 -0.31
CA LYS B 200 4.47 9.41 -1.72
C LYS B 200 3.75 10.58 -2.37
N ARG B 201 4.45 11.72 -2.50
CA ARG B 201 3.83 12.97 -2.97
C ARG B 201 3.53 12.91 -4.46
CA CA C . -15.70 6.64 -11.21
CA CA D . 4.70 5.86 18.75
#